data_1LMW
#
_entry.id   1LMW
#
_cell.length_a   176.700
_cell.length_b   176.700
_cell.length_c   54.400
_cell.angle_alpha   90.00
_cell.angle_beta   90.00
_cell.angle_gamma   120.00
#
_symmetry.space_group_name_H-M   'H 3'
#
loop_
_entity.id
_entity.type
_entity.pdbx_description
1 polymer 'UROKINASE-TYPE PLASMINOGEN ACTIVATOR'
2 polymer 'UROKINASE-TYPE PLASMINOGEN ACTIVATOR'
3 non-polymer L-alpha-glutamyl-N-{(1S)-4-{[amino(iminio)methyl]amino}-1-[(1S)-2-chloro-1-hydroxyethyl]butyl}glycinamide
#
loop_
_entity_poly.entity_id
_entity_poly.type
_entity_poly.pdbx_seq_one_letter_code
_entity_poly.pdbx_strand_id
1 'polypeptide(L)' KPSSPPEELKFQCGQKTLRPRFK A,C
2 'polypeptide(L)'
;IIGGEFTTIENQPWFAAIYRRHRGGSVTYVCGGSLMSPCWVISATHCFIDYPKKEDYIVYLGRSRLNSNTQGEMKFEVEN
LILHKDYSADTLAHHNDIALLKIRSKEGRCAQPSRTIQTICLPSMYNDPQFGTSCEITGFGKENSTDYLYPEQLKMTVVK
LISHRECQQPHYYGSEVTTKMLCAADPQWKTDSCQGDSGGPLVCSLQGRMTLTGIVSWGRGCALKDKPGVYTRVSHFLPW
IRSHTKEENGLAL
;
B,D
#
loop_
_chem_comp.id
_chem_comp.type
_chem_comp.name
_chem_comp.formula
0GJ peptide-like L-alpha-glutamyl-N-{(1S)-4-{[amino(iminio)methyl]amino}-1-[(1S)-2-chloro-1-hydroxyethyl]butyl}glycinamide 'C14 H28 Cl N6 O5 1'
#
# COMPACT_ATOMS: atom_id res chain seq x y z
N CYS A 13 -12.71 -31.51 -4.26
CA CYS A 13 -11.67 -30.57 -3.78
C CYS A 13 -10.54 -31.34 -3.14
N GLY A 14 -9.31 -30.82 -3.23
CA GLY A 14 -8.17 -31.49 -2.62
C GLY A 14 -7.69 -32.63 -3.51
N GLN A 15 -8.39 -32.73 -4.64
CA GLN A 15 -8.18 -33.72 -5.70
C GLN A 15 -6.99 -33.23 -6.58
N LYS A 16 -5.78 -33.65 -6.22
CA LYS A 16 -4.54 -33.30 -6.95
C LYS A 16 -4.14 -34.39 -7.96
N THR A 17 -4.44 -34.15 -9.24
CA THR A 17 -4.15 -35.06 -10.35
C THR A 17 -2.73 -35.64 -10.34
N LEU A 18 -2.55 -36.76 -11.05
CA LEU A 18 -1.23 -37.40 -11.15
C LEU A 18 -0.64 -37.51 -12.57
N ARG A 19 0.41 -36.71 -12.78
CA ARG A 19 1.16 -36.59 -14.03
C ARG A 19 2.66 -36.72 -13.78
N PRO A 20 3.10 -37.83 -13.15
CA PRO A 20 4.54 -38.01 -12.90
C PRO A 20 5.22 -38.90 -13.94
N ARG A 21 4.63 -39.12 -15.02
N ILE B 1 8.54 -16.23 -4.64
CA ILE B 1 9.00 -17.25 -3.65
C ILE B 1 10.55 -17.31 -3.56
N ILE B 2 11.10 -17.95 -2.53
CA ILE B 2 12.54 -18.06 -2.37
C ILE B 2 12.89 -19.53 -2.14
N GLY B 3 11.90 -20.40 -2.30
CA GLY B 3 12.12 -21.82 -2.13
C GLY B 3 12.99 -22.31 -3.25
N GLY B 4 12.50 -23.25 -4.03
CA GLY B 4 13.31 -23.74 -5.14
C GLY B 4 12.69 -24.93 -5.79
N GLU B 5 11.76 -24.68 -6.72
CA GLU B 5 11.06 -25.77 -7.37
C GLU B 5 10.10 -25.28 -8.45
N PHE B 6 10.58 -24.91 -9.61
CA PHE B 6 9.60 -24.47 -10.60
C PHE B 6 8.60 -25.63 -10.75
N THR B 7 7.30 -25.37 -10.76
CA THR B 7 6.31 -26.47 -10.92
C THR B 7 5.27 -26.11 -11.96
N THR B 8 4.08 -26.71 -11.92
CA THR B 8 3.07 -26.41 -12.96
C THR B 8 1.64 -26.39 -12.50
N ILE B 9 0.75 -26.07 -13.43
CA ILE B 9 -0.69 -26.01 -13.16
C ILE B 9 -1.31 -27.35 -12.85
N GLU B 10 -0.49 -28.33 -12.54
CA GLU B 10 -0.97 -29.65 -12.22
C GLU B 10 -0.47 -30.03 -10.86
N ASN B 11 0.39 -29.18 -10.30
CA ASN B 11 0.90 -29.38 -8.97
C ASN B 11 0.07 -28.52 -8.02
N GLN B 12 -0.50 -27.42 -8.52
CA GLN B 12 -1.32 -26.54 -7.71
C GLN B 12 -2.53 -26.11 -8.49
N PRO B 13 -3.24 -27.06 -9.10
CA PRO B 13 -4.44 -26.88 -9.92
C PRO B 13 -5.57 -25.95 -9.45
N TRP B 14 -5.51 -25.52 -8.20
CA TRP B 14 -6.54 -24.64 -7.65
C TRP B 14 -6.13 -23.16 -7.65
N PHE B 15 -4.84 -22.91 -7.92
CA PHE B 15 -4.24 -21.55 -7.99
C PHE B 15 -4.77 -20.69 -9.15
N ALA B 16 -5.18 -19.46 -8.82
CA ALA B 16 -5.70 -18.55 -9.83
C ALA B 16 -4.79 -17.33 -9.91
N ALA B 17 -4.23 -17.10 -11.09
CA ALA B 17 -3.37 -15.94 -11.29
C ALA B 17 -4.35 -14.84 -11.57
N ILE B 18 -4.14 -13.70 -10.90
CA ILE B 18 -5.00 -12.51 -11.04
C ILE B 18 -4.35 -11.28 -11.69
N TYR B 19 -4.99 -10.82 -12.75
CA TYR B 19 -4.49 -9.72 -13.55
C TYR B 19 -5.37 -8.52 -13.58
N ARG B 20 -4.73 -7.38 -13.81
CA ARG B 20 -5.36 -6.08 -13.93
C ARG B 20 -4.97 -5.57 -15.33
N ARG B 21 -5.95 -5.05 -16.08
CA ARG B 21 -5.73 -4.53 -17.43
C ARG B 21 -5.43 -3.03 -17.44
N HIS B 22 -5.22 -2.48 -18.64
CA HIS B 22 -4.93 -1.07 -18.81
C HIS B 22 -5.59 -0.55 -20.07
N ARG B 23 -5.93 0.75 -20.09
CA ARG B 23 -6.56 1.36 -21.26
C ARG B 23 -5.72 0.99 -22.48
N GLY B 24 -4.40 1.07 -22.32
CA GLY B 24 -3.48 0.74 -23.38
C GLY B 24 -3.17 -0.74 -23.48
N GLY B 25 -4.17 -1.52 -23.94
CA GLY B 25 -4.05 -2.96 -24.15
C GLY B 25 -3.44 -4.01 -23.21
N SER B 26 -2.33 -3.71 -22.54
CA SER B 26 -1.67 -4.70 -21.68
C SER B 26 -2.39 -5.21 -20.43
N VAL B 27 -1.61 -5.89 -19.57
CA VAL B 27 -2.04 -6.50 -18.30
C VAL B 27 -0.80 -6.74 -17.43
N THR B 28 -0.93 -6.65 -16.10
CA THR B 28 0.22 -6.87 -15.22
C THR B 28 -0.21 -7.72 -14.05
N TYR B 29 0.69 -8.53 -13.52
CA TYR B 29 0.30 -9.44 -12.45
C TYR B 29 0.22 -8.85 -11.02
N VAL B 30 -0.98 -8.95 -10.45
CA VAL B 30 -1.28 -8.45 -9.09
C VAL B 30 -0.91 -9.42 -7.98
N CYS B 31 -1.83 -10.38 -7.73
CA CYS B 31 -1.73 -11.42 -6.69
C CYS B 31 -2.31 -12.78 -7.13
N GLY B 32 -2.15 -13.77 -6.25
CA GLY B 32 -2.65 -15.12 -6.47
C GLY B 32 -4.14 -15.38 -6.18
N GLY B 33 -4.49 -16.62 -5.86
CA GLY B 33 -5.89 -16.94 -5.63
C GLY B 33 -6.10 -18.40 -5.28
N SER B 34 -7.35 -18.82 -5.12
CA SER B 34 -7.69 -20.21 -4.77
C SER B 34 -9.12 -20.45 -5.16
N LEU B 35 -9.40 -21.43 -6.03
CA LEU B 35 -10.81 -21.69 -6.36
C LEU B 35 -11.48 -22.35 -5.14
N MET B 36 -12.77 -22.08 -4.98
CA MET B 36 -13.56 -22.57 -3.85
C MET B 36 -14.73 -23.32 -4.36
N SER B 37 -15.44 -22.67 -5.27
CA SER B 37 -16.61 -23.25 -5.88
C SER B 37 -16.30 -23.02 -7.35
N PRO B 38 -17.30 -23.09 -8.23
CA PRO B 38 -16.96 -22.82 -9.62
C PRO B 38 -16.67 -21.34 -9.86
N CYS B 39 -17.60 -20.49 -9.43
CA CYS B 39 -17.50 -19.03 -9.61
C CYS B 39 -16.94 -18.18 -8.48
N TRP B 40 -16.15 -18.74 -7.58
CA TRP B 40 -15.62 -17.95 -6.51
C TRP B 40 -14.16 -18.21 -6.30
N VAL B 41 -13.37 -17.16 -6.41
CA VAL B 41 -11.93 -17.24 -6.20
C VAL B 41 -11.80 -16.55 -4.87
N ILE B 42 -10.64 -16.62 -4.25
CA ILE B 42 -10.50 -16.01 -2.96
C ILE B 42 -9.06 -15.59 -2.67
N SER B 43 -8.82 -14.28 -2.59
CA SER B 43 -7.46 -13.79 -2.33
C SER B 43 -7.23 -13.03 -1.02
N ALA B 44 -6.47 -11.93 -1.06
CA ALA B 44 -6.20 -11.03 0.09
C ALA B 44 -6.73 -9.61 -0.25
N THR B 45 -7.10 -8.84 0.77
CA THR B 45 -7.63 -7.51 0.49
C THR B 45 -6.65 -6.43 0.02
N HIS B 46 -5.42 -6.41 0.55
CA HIS B 46 -4.41 -5.43 0.18
C HIS B 46 -3.96 -5.43 -1.29
N CYS B 47 -4.58 -6.27 -2.12
CA CYS B 47 -4.21 -6.29 -3.53
C CYS B 47 -5.07 -5.31 -4.34
N PHE B 48 -6.36 -5.34 -4.12
CA PHE B 48 -7.30 -4.49 -4.85
C PHE B 48 -7.55 -3.12 -4.20
N ILE B 49 -6.61 -2.74 -3.34
CA ILE B 49 -6.68 -1.50 -2.60
C ILE B 49 -6.80 -0.25 -3.47
N ASP B 50 -5.63 0.25 -3.89
CA ASP B 50 -5.44 1.45 -4.68
C ASP B 50 -6.18 1.47 -5.99
N TYR B 51 -6.63 0.31 -6.46
CA TYR B 51 -7.43 0.22 -7.68
C TYR B 51 -8.54 -0.83 -7.46
N PRO B 52 -9.57 -0.46 -6.69
CA PRO B 52 -10.77 -1.22 -6.30
C PRO B 52 -11.83 -1.46 -7.37
N LYS B 53 -11.47 -1.44 -8.64
CA LYS B 53 -12.46 -1.65 -9.68
C LYS B 53 -12.58 -3.09 -10.17
N LYS B 54 -13.72 -3.71 -9.87
CA LYS B 54 -14.00 -5.09 -10.28
C LYS B 54 -14.07 -5.22 -11.80
N GLU B 55 -14.23 -4.09 -12.48
CA GLU B 55 -14.33 -4.14 -13.92
C GLU B 55 -13.00 -4.19 -14.64
N ASP B 56 -11.97 -3.51 -14.12
CA ASP B 56 -10.68 -3.58 -14.81
C ASP B 56 -9.73 -4.69 -14.35
N TYR B 57 -10.32 -5.83 -13.98
CA TYR B 57 -9.55 -7.00 -13.55
C TYR B 57 -9.95 -8.26 -14.35
N ILE B 58 -8.93 -8.97 -14.84
CA ILE B 58 -9.13 -10.20 -15.59
C ILE B 58 -8.45 -11.35 -14.83
N VAL B 59 -9.11 -12.53 -14.80
CA VAL B 59 -8.60 -13.65 -14.00
C VAL B 59 -8.37 -14.99 -14.72
N TYR B 60 -7.17 -15.56 -14.50
CA TYR B 60 -6.77 -16.81 -15.15
C TYR B 60 -6.69 -18.05 -14.32
N LEU B 61 -7.43 -19.05 -14.81
CA LEU B 61 -7.51 -20.39 -14.21
C LEU B 61 -6.97 -21.42 -15.19
N GLY B 62 -5.95 -22.16 -14.79
CA GLY B 62 -5.35 -23.14 -15.67
C GLY B 62 -4.26 -22.47 -16.49
N ARG B 63 -3.20 -22.03 -15.80
CA ARG B 63 -2.10 -21.34 -16.47
C ARG B 63 -0.84 -21.44 -15.60
N SER B 64 0.26 -21.96 -16.14
CA SER B 64 1.53 -22.15 -15.39
C SER B 64 2.61 -21.11 -15.68
N ARG B 65 2.51 -20.54 -16.88
CA ARG B 65 3.44 -19.52 -17.37
C ARG B 65 2.85 -18.13 -17.23
N LEU B 66 3.70 -17.27 -16.68
CA LEU B 66 3.37 -15.90 -16.38
C LEU B 66 2.88 -15.06 -17.55
N ASN B 67 3.81 -14.52 -18.33
CA ASN B 67 3.46 -13.68 -19.47
C ASN B 67 3.29 -14.44 -20.78
N SER B 68 2.55 -15.54 -20.73
CA SER B 68 2.26 -16.43 -21.91
C SER B 68 1.14 -17.48 -21.69
N ASN B 69 0.21 -17.53 -22.64
CA ASN B 69 -0.93 -18.45 -22.67
C ASN B 69 -0.66 -19.99 -22.57
N THR B 70 -1.26 -20.64 -21.56
CA THR B 70 -1.17 -22.10 -21.34
C THR B 70 -2.44 -22.73 -21.90
N GLN B 71 -2.35 -23.43 -23.02
CA GLN B 71 -3.51 -24.07 -23.65
C GLN B 71 -4.37 -24.78 -22.63
N GLY B 72 -5.68 -24.65 -22.79
CA GLY B 72 -6.61 -25.24 -21.84
C GLY B 72 -6.61 -24.42 -20.57
N GLU B 73 -6.90 -23.13 -20.70
CA GLU B 73 -6.94 -22.19 -19.60
C GLU B 73 -8.20 -21.40 -19.74
N MET B 74 -8.77 -20.94 -18.62
CA MET B 74 -9.99 -20.15 -18.71
C MET B 74 -9.93 -18.71 -18.13
N LYS B 75 -10.23 -17.78 -19.03
CA LYS B 75 -10.22 -16.35 -18.76
C LYS B 75 -11.59 -15.92 -18.22
N PHE B 76 -11.56 -15.16 -17.14
CA PHE B 76 -12.82 -14.69 -16.56
C PHE B 76 -12.96 -13.21 -16.31
N GLU B 77 -14.21 -12.84 -16.08
CA GLU B 77 -14.61 -11.49 -15.75
C GLU B 77 -14.85 -11.55 -14.24
N VAL B 78 -14.43 -10.53 -13.49
CA VAL B 78 -14.68 -10.52 -12.05
C VAL B 78 -16.01 -9.79 -11.91
N GLU B 79 -17.09 -10.54 -12.05
CA GLU B 79 -18.46 -10.03 -11.98
C GLU B 79 -18.90 -9.46 -10.62
N ASN B 80 -18.03 -9.59 -9.62
CA ASN B 80 -18.35 -9.13 -8.29
C ASN B 80 -17.13 -9.22 -7.38
N LEU B 81 -16.55 -8.09 -7.01
CA LEU B 81 -15.39 -8.12 -6.12
C LEU B 81 -15.71 -7.52 -4.77
N ILE B 82 -16.12 -8.39 -3.84
CA ILE B 82 -16.40 -7.96 -2.49
C ILE B 82 -15.20 -8.32 -1.58
N LEU B 83 -14.75 -7.34 -0.80
CA LEU B 83 -13.59 -7.51 0.10
C LEU B 83 -14.03 -7.64 1.56
N HIS B 84 -13.08 -7.57 2.50
CA HIS B 84 -13.43 -7.67 3.90
C HIS B 84 -13.64 -6.34 4.62
N LYS B 85 -14.89 -6.08 5.03
CA LYS B 85 -15.28 -4.85 5.72
C LYS B 85 -14.55 -4.49 7.03
N ASP B 86 -13.45 -5.17 7.35
CA ASP B 86 -12.68 -4.87 8.55
C ASP B 86 -11.19 -4.83 8.26
N TYR B 87 -10.79 -4.90 6.97
CA TYR B 87 -9.37 -4.89 6.62
C TYR B 87 -8.74 -3.60 7.05
N SER B 88 -7.53 -3.71 7.57
CA SER B 88 -6.72 -2.56 8.02
C SER B 88 -5.28 -3.06 8.18
N ALA B 89 -4.31 -2.16 8.08
CA ALA B 89 -2.92 -2.58 8.24
C ALA B 89 -2.16 -1.46 8.90
N ASP B 90 -1.11 -1.80 9.62
CA ASP B 90 -0.34 -0.77 10.28
C ASP B 90 1.04 -0.63 9.69
N THR B 91 1.95 -0.10 10.49
CA THR B 91 3.32 0.08 10.04
C THR B 91 4.13 -1.20 9.91
N LEU B 92 3.44 -2.35 9.81
CA LEU B 92 4.06 -3.70 9.69
C LEU B 92 3.12 -4.79 9.23
N ALA B 93 2.06 -5.00 10.01
CA ALA B 93 1.07 -6.01 9.72
C ALA B 93 -0.16 -5.58 8.93
N HIS B 94 -0.97 -6.60 8.62
CA HIS B 94 -2.19 -6.47 7.85
C HIS B 94 -3.18 -7.44 8.49
N HIS B 95 -4.36 -6.93 8.82
CA HIS B 95 -5.39 -7.70 9.48
C HIS B 95 -6.62 -7.86 8.61
N ASN B 96 -7.13 -9.09 8.55
CA ASN B 96 -8.29 -9.43 7.75
C ASN B 96 -8.14 -9.46 6.23
N ASP B 97 -6.90 -9.74 5.78
CA ASP B 97 -6.56 -9.84 4.35
C ASP B 97 -7.25 -11.03 3.71
N ILE B 98 -8.44 -10.81 3.16
CA ILE B 98 -9.21 -11.89 2.55
C ILE B 98 -10.38 -11.32 1.77
N ALA B 99 -10.45 -11.66 0.49
CA ALA B 99 -11.50 -11.15 -0.38
C ALA B 99 -12.03 -12.25 -1.27
N LEU B 100 -13.16 -12.00 -1.90
CA LEU B 100 -13.73 -12.99 -2.75
C LEU B 100 -14.10 -12.35 -4.06
N LEU B 101 -13.77 -13.05 -5.15
CA LEU B 101 -14.08 -12.57 -6.46
C LEU B 101 -15.03 -13.58 -7.04
N LYS B 102 -16.15 -13.12 -7.57
CA LYS B 102 -17.09 -14.00 -8.23
C LYS B 102 -16.81 -13.79 -9.71
N ILE B 103 -16.44 -14.89 -10.35
CA ILE B 103 -16.10 -14.89 -11.75
C ILE B 103 -17.18 -15.45 -12.65
N ARG B 104 -17.20 -14.98 -13.89
CA ARG B 104 -18.16 -15.47 -14.87
C ARG B 104 -17.44 -15.52 -16.23
N SER B 105 -17.82 -16.49 -17.04
CA SER B 105 -17.25 -16.69 -18.38
C SER B 105 -17.63 -15.57 -19.33
N LYS B 106 -16.70 -15.22 -20.21
CA LYS B 106 -16.96 -14.19 -21.22
C LYS B 106 -18.20 -14.62 -22.02
N GLU B 107 -18.49 -15.92 -21.97
CA GLU B 107 -19.62 -16.54 -22.64
C GLU B 107 -20.83 -16.67 -21.72
N GLY B 108 -20.60 -16.62 -20.41
CA GLY B 108 -21.70 -16.69 -19.46
C GLY B 108 -21.85 -17.97 -18.64
N ARG B 109 -20.81 -18.34 -17.90
CA ARG B 109 -20.84 -19.54 -17.05
C ARG B 109 -19.65 -19.59 -16.12
N CYS B 110 -19.71 -20.45 -15.11
CA CYS B 110 -18.63 -20.55 -14.14
C CYS B 110 -17.48 -21.46 -14.52
N ALA B 111 -16.65 -21.80 -13.54
CA ALA B 111 -15.53 -22.70 -13.80
C ALA B 111 -16.09 -24.08 -14.14
N GLN B 112 -15.41 -24.80 -15.03
CA GLN B 112 -15.83 -26.13 -15.43
C GLN B 112 -14.77 -27.07 -14.93
N PRO B 113 -14.50 -27.06 -13.61
CA PRO B 113 -13.46 -27.93 -13.04
C PRO B 113 -13.05 -29.19 -13.78
N SER B 114 -11.77 -29.18 -14.16
CA SER B 114 -11.10 -30.26 -14.88
C SER B 114 -9.62 -30.34 -14.47
N ARG B 115 -8.87 -31.32 -14.98
CA ARG B 115 -7.46 -31.55 -14.59
C ARG B 115 -6.64 -30.41 -13.98
N THR B 116 -6.63 -29.28 -14.68
CA THR B 116 -5.92 -28.09 -14.24
C THR B 116 -6.88 -27.26 -13.37
N ILE B 117 -8.05 -26.96 -13.92
CA ILE B 117 -9.07 -26.21 -13.21
C ILE B 117 -9.65 -27.05 -12.07
N GLN B 118 -9.07 -26.91 -10.88
CA GLN B 118 -9.56 -27.64 -9.73
C GLN B 118 -9.70 -26.68 -8.52
N THR B 119 -10.48 -27.11 -7.53
CA THR B 119 -10.80 -26.34 -6.30
C THR B 119 -10.22 -26.94 -5.01
N ILE B 120 -9.93 -26.09 -4.01
CA ILE B 120 -9.42 -26.59 -2.72
C ILE B 120 -10.49 -26.78 -1.64
N CYS B 121 -10.09 -27.55 -0.64
CA CYS B 121 -10.95 -27.86 0.45
C CYS B 121 -10.73 -26.83 1.51
N LEU B 122 -11.83 -26.31 2.07
CA LEU B 122 -11.72 -25.33 3.15
C LEU B 122 -11.47 -26.05 4.42
N PRO B 123 -10.76 -25.42 5.34
CA PRO B 123 -10.49 -26.07 6.61
C PRO B 123 -11.81 -26.07 7.43
N SER B 124 -11.98 -27.00 8.37
CA SER B 124 -13.20 -27.08 9.18
C SER B 124 -13.14 -25.98 10.24
N MET B 125 -13.88 -26.09 11.33
CA MET B 125 -13.80 -25.04 12.35
C MET B 125 -12.59 -25.26 13.24
N TYR B 126 -12.15 -24.20 13.93
CA TYR B 126 -10.98 -24.22 14.81
C TYR B 126 -9.95 -25.35 14.66
N ASN B 127 -9.66 -25.70 13.40
CA ASN B 127 -8.74 -26.78 13.07
C ASN B 127 -7.46 -26.46 12.27
N ASP B 128 -6.32 -26.36 12.94
CA ASP B 128 -5.06 -26.10 12.23
C ASP B 128 -4.01 -27.07 12.71
N PRO B 129 -3.11 -27.50 11.82
CA PRO B 129 -2.02 -28.44 12.13
C PRO B 129 -1.21 -27.99 13.34
N GLN B 130 -0.22 -28.77 13.74
CA GLN B 130 0.54 -28.38 14.90
C GLN B 130 1.71 -27.53 14.45
N PHE B 131 2.58 -27.14 15.38
CA PHE B 131 3.70 -26.30 15.02
C PHE B 131 4.97 -27.05 14.63
N GLY B 132 4.87 -27.71 13.48
CA GLY B 132 5.98 -28.47 12.96
C GLY B 132 5.60 -28.85 11.55
N THR B 133 4.30 -28.94 11.33
CA THR B 133 3.74 -29.29 10.02
C THR B 133 4.32 -28.51 8.84
N SER B 134 4.92 -29.24 7.91
CA SER B 134 5.45 -28.62 6.70
C SER B 134 4.24 -28.49 5.81
N CYS B 135 4.09 -27.30 5.23
CA CYS B 135 2.98 -27.01 4.35
C CYS B 135 3.61 -26.43 3.08
N GLU B 136 2.84 -26.27 2.02
CA GLU B 136 3.46 -25.83 0.81
C GLU B 136 2.80 -24.71 0.08
N ILE B 137 3.62 -23.71 -0.22
CA ILE B 137 3.15 -22.53 -0.93
C ILE B 137 3.71 -22.43 -2.34
N THR B 138 3.05 -21.59 -3.14
CA THR B 138 3.44 -21.35 -4.51
C THR B 138 3.04 -19.97 -4.93
N GLY B 139 3.52 -19.63 -6.11
CA GLY B 139 3.21 -18.36 -6.70
C GLY B 139 4.30 -17.86 -7.61
N PHE B 140 3.92 -16.88 -8.43
CA PHE B 140 4.83 -16.23 -9.37
C PHE B 140 5.63 -15.20 -8.58
N GLY B 141 5.86 -15.48 -7.30
CA GLY B 141 6.54 -14.55 -6.42
C GLY B 141 7.87 -13.96 -6.77
N LYS B 142 8.26 -12.96 -5.99
CA LYS B 142 9.53 -12.34 -6.20
C LYS B 142 10.59 -13.31 -5.73
N GLU B 143 11.57 -13.59 -6.57
CA GLU B 143 12.65 -14.50 -6.22
C GLU B 143 13.69 -13.88 -5.28
N ASN B 144 13.49 -12.61 -4.93
CA ASN B 144 14.39 -11.88 -4.04
C ASN B 144 13.79 -10.51 -3.67
N SER B 145 13.80 -10.19 -2.38
CA SER B 145 13.30 -8.92 -1.86
C SER B 145 13.84 -7.79 -2.71
N THR B 146 15.13 -7.90 -3.06
CA THR B 146 15.84 -6.93 -3.89
C THR B 146 15.56 -7.13 -5.40
N ASP B 147 15.47 -8.38 -5.85
CA ASP B 147 15.15 -8.73 -7.23
C ASP B 147 13.89 -7.93 -7.65
N TYR B 148 13.60 -7.82 -8.95
CA TYR B 148 12.43 -7.05 -9.39
C TYR B 148 11.60 -7.63 -10.55
N LEU B 149 12.04 -8.75 -11.10
CA LEU B 149 11.28 -9.41 -12.16
C LEU B 149 10.60 -10.62 -11.50
N TYR B 150 9.35 -10.85 -11.87
CA TYR B 150 8.59 -11.97 -11.36
C TYR B 150 8.91 -13.16 -12.25
N PRO B 151 9.64 -14.15 -11.72
CA PRO B 151 10.04 -15.38 -12.39
C PRO B 151 9.00 -15.79 -13.43
N GLU B 152 9.46 -16.36 -14.54
CA GLU B 152 8.52 -16.70 -15.62
C GLU B 152 7.77 -18.00 -15.45
N GLN B 153 8.28 -18.88 -14.59
CA GLN B 153 7.65 -20.17 -14.37
C GLN B 153 7.17 -20.28 -12.93
N LEU B 154 5.88 -20.61 -12.78
CA LEU B 154 5.22 -20.80 -11.47
C LEU B 154 6.17 -21.48 -10.47
N LYS B 155 6.14 -21.09 -9.20
CA LYS B 155 7.07 -21.71 -8.24
C LYS B 155 6.44 -22.50 -7.13
N MET B 156 7.26 -23.00 -6.20
CA MET B 156 6.74 -23.80 -5.10
C MET B 156 7.79 -24.07 -4.04
N THR B 157 7.35 -24.22 -2.80
CA THR B 157 8.27 -24.52 -1.70
C THR B 157 7.53 -24.95 -0.41
N VAL B 158 8.19 -25.79 0.38
CA VAL B 158 7.63 -26.31 1.61
C VAL B 158 8.17 -25.52 2.78
N VAL B 159 7.34 -25.35 3.80
CA VAL B 159 7.74 -24.56 4.96
C VAL B 159 7.14 -25.07 6.25
N LYS B 160 7.91 -25.00 7.35
CA LYS B 160 7.44 -25.43 8.69
C LYS B 160 6.62 -24.35 9.39
N LEU B 161 5.59 -24.74 10.16
CA LEU B 161 4.76 -23.78 10.90
C LEU B 161 5.37 -23.36 12.24
N ILE B 162 4.87 -22.26 12.79
CA ILE B 162 5.38 -21.70 14.04
C ILE B 162 4.29 -21.25 15.03
N SER B 163 4.59 -21.38 16.32
CA SER B 163 3.64 -21.05 17.38
C SER B 163 3.55 -19.61 17.85
N HIS B 164 2.55 -19.37 18.71
CA HIS B 164 2.32 -18.08 19.32
C HIS B 164 3.51 -17.89 20.24
N ARG B 165 3.80 -18.93 21.01
CA ARG B 165 4.95 -18.93 21.94
C ARG B 165 6.18 -18.45 21.15
N GLU B 166 6.35 -19.01 19.96
CA GLU B 166 7.48 -18.68 19.10
C GLU B 166 7.48 -17.29 18.44
N CYS B 167 6.48 -17.00 17.63
CA CYS B 167 6.40 -15.73 16.91
C CYS B 167 6.23 -14.48 17.76
N GLN B 168 5.46 -14.61 18.85
CA GLN B 168 5.16 -13.50 19.76
C GLN B 168 6.38 -12.97 20.50
N GLN B 169 7.46 -13.76 20.48
CA GLN B 169 8.72 -13.39 21.13
C GLN B 169 9.28 -12.01 20.70
N PRO B 170 10.26 -11.49 21.47
CA PRO B 170 10.93 -10.20 21.23
C PRO B 170 11.73 -10.04 19.92
N HIS B 171 12.58 -11.02 19.62
CA HIS B 171 13.38 -10.96 18.41
C HIS B 171 12.57 -11.20 17.15
N TYR B 172 11.29 -11.50 17.32
CA TYR B 172 10.38 -11.74 16.19
C TYR B 172 9.45 -10.53 15.98
N TYR B 173 8.15 -10.79 15.92
CA TYR B 173 7.16 -9.75 15.68
C TYR B 173 6.40 -9.24 16.93
N GLY B 174 6.83 -9.66 18.11
CA GLY B 174 6.16 -9.24 19.34
C GLY B 174 4.65 -9.31 19.20
N SER B 175 3.97 -8.29 19.73
CA SER B 175 2.51 -8.23 19.71
C SER B 175 1.88 -7.90 18.35
N GLU B 176 2.68 -7.87 17.28
CA GLU B 176 2.12 -7.58 15.98
C GLU B 176 1.39 -8.83 15.44
N VAL B 177 1.86 -10.02 15.83
CA VAL B 177 1.22 -11.29 15.43
C VAL B 177 -0.02 -11.53 16.30
N THR B 178 -1.18 -11.67 15.67
CA THR B 178 -2.43 -11.92 16.36
C THR B 178 -2.86 -13.39 16.24
N THR B 179 -4.06 -13.73 16.75
CA THR B 179 -4.56 -15.11 16.69
C THR B 179 -5.35 -15.47 15.40
N LYS B 180 -5.49 -14.49 14.49
CA LYS B 180 -6.21 -14.71 13.24
C LYS B 180 -5.21 -14.67 12.05
N MET B 181 -3.99 -15.16 12.34
CA MET B 181 -2.91 -15.24 11.36
C MET B 181 -1.77 -16.19 11.78
N LEU B 182 -1.36 -17.05 10.84
CA LEU B 182 -0.30 -18.07 11.03
C LEU B 182 1.11 -17.62 10.63
N CYS B 183 2.11 -18.02 11.42
CA CYS B 183 3.52 -17.68 11.18
C CYS B 183 4.27 -18.87 10.54
N ALA B 184 5.06 -18.62 9.49
CA ALA B 184 5.75 -19.74 8.84
C ALA B 184 7.13 -19.47 8.24
N ALA B 185 8.06 -20.40 8.48
CA ALA B 185 9.43 -20.31 7.96
C ALA B 185 10.19 -21.65 8.05
N ASP B 186 11.38 -21.70 7.46
CA ASP B 186 12.22 -22.91 7.48
C ASP B 186 13.26 -22.63 8.56
N PRO B 187 14.01 -23.68 9.03
CA PRO B 187 15.03 -23.49 10.07
C PRO B 187 15.62 -22.09 10.14
N GLN B 188 16.14 -21.59 9.01
CA GLN B 188 16.67 -20.21 8.95
C GLN B 188 17.29 -19.74 7.66
N TRP B 189 16.72 -18.64 7.17
CA TRP B 189 17.18 -17.93 5.97
C TRP B 189 17.23 -18.65 4.61
N LYS B 190 16.72 -19.88 4.55
CA LYS B 190 16.75 -20.61 3.28
C LYS B 190 15.53 -20.39 2.41
N THR B 191 14.32 -20.58 2.95
CA THR B 191 13.09 -20.39 2.16
C THR B 191 12.05 -19.45 2.81
N ASP B 192 11.12 -18.96 1.99
CA ASP B 192 10.05 -18.03 2.42
C ASP B 192 9.21 -17.69 1.18
N SER B 193 8.16 -16.90 1.37
CA SER B 193 7.35 -16.43 0.25
C SER B 193 7.89 -15.02 0.03
N CYS B 194 7.08 -14.16 -0.58
CA CYS B 194 7.53 -12.79 -0.83
C CYS B 194 6.45 -11.99 -1.57
N GLN B 195 6.80 -10.76 -1.98
CA GLN B 195 5.85 -9.91 -2.68
C GLN B 195 5.51 -10.55 -4.00
N GLY B 196 4.25 -10.35 -4.40
CA GLY B 196 3.75 -10.94 -5.62
C GLY B 196 3.07 -12.22 -5.22
N ASP B 197 3.55 -12.83 -4.12
CA ASP B 197 3.00 -14.10 -3.57
C ASP B 197 1.62 -14.02 -2.91
N SER B 198 1.35 -12.88 -2.29
CA SER B 198 0.11 -12.56 -1.60
C SER B 198 -1.14 -13.01 -2.28
N GLY B 199 -2.18 -13.27 -1.49
CA GLY B 199 -3.47 -13.71 -2.02
C GLY B 199 -3.45 -15.14 -2.51
N GLY B 200 -2.43 -15.87 -2.06
CA GLY B 200 -2.26 -17.25 -2.45
C GLY B 200 -1.81 -18.19 -1.35
N PRO B 201 -2.23 -19.45 -1.46
CA PRO B 201 -2.11 -20.70 -0.70
C PRO B 201 -1.00 -21.11 0.29
N LEU B 202 -1.39 -21.36 1.55
CA LEU B 202 -0.46 -21.94 2.51
C LEU B 202 -1.15 -23.30 2.39
N VAL B 203 -0.39 -24.33 2.02
CA VAL B 203 -1.06 -25.60 1.81
C VAL B 203 -0.60 -26.77 2.62
N CYS B 204 -1.54 -27.25 3.43
CA CYS B 204 -1.32 -28.43 4.24
C CYS B 204 -2.52 -29.28 3.89
N SER B 205 -2.22 -30.57 3.74
CA SER B 205 -3.25 -31.55 3.47
C SER B 205 -3.58 -32.05 4.88
N LEU B 206 -4.87 -32.09 5.19
CA LEU B 206 -5.31 -32.56 6.50
C LEU B 206 -6.35 -33.65 6.36
N GLN B 207 -6.19 -34.70 7.18
CA GLN B 207 -7.12 -35.82 7.19
C GLN B 207 -7.26 -36.48 5.81
N GLY B 208 -6.35 -36.18 4.88
CA GLY B 208 -6.42 -36.76 3.56
C GLY B 208 -6.34 -35.80 2.38
N ARG B 209 -7.35 -34.95 2.26
CA ARG B 209 -7.41 -33.94 1.18
C ARG B 209 -6.64 -32.66 1.54
N MET B 210 -5.95 -32.08 0.56
CA MET B 210 -5.17 -30.87 0.78
C MET B 210 -6.12 -29.68 0.90
N THR B 211 -6.03 -28.99 2.04
CA THR B 211 -6.91 -27.86 2.33
C THR B 211 -6.26 -26.48 2.36
N LEU B 212 -7.12 -25.46 2.33
CA LEU B 212 -6.69 -24.08 2.36
C LEU B 212 -6.52 -23.73 3.80
N THR B 213 -5.34 -23.95 4.33
CA THR B 213 -5.06 -23.64 5.71
C THR B 213 -4.77 -22.15 5.90
N GLY B 214 -3.94 -21.56 5.04
CA GLY B 214 -3.61 -20.15 5.19
C GLY B 214 -3.55 -19.35 3.91
N ILE B 215 -3.29 -18.07 4.06
CA ILE B 215 -3.17 -17.18 2.90
C ILE B 215 -2.05 -16.17 3.13
N VAL B 216 -1.10 -16.13 2.21
CA VAL B 216 0.05 -15.21 2.32
C VAL B 216 -0.40 -13.75 2.39
N SER B 217 0.17 -13.02 3.36
CA SER B 217 -0.18 -11.62 3.61
C SER B 217 0.91 -10.58 3.87
N TRP B 218 1.85 -10.89 4.76
CA TRP B 218 2.90 -9.94 5.09
C TRP B 218 4.10 -10.58 5.73
N GLY B 219 5.06 -9.74 6.12
CA GLY B 219 6.30 -10.22 6.74
C GLY B 219 7.32 -9.16 6.39
N ARG B 220 8.30 -8.96 7.27
CA ARG B 220 9.33 -7.96 7.01
C ARG B 220 10.48 -8.62 6.26
N GLY B 221 10.66 -8.25 5.01
CA GLY B 221 11.70 -8.87 4.21
C GLY B 221 11.36 -10.34 3.93
N CYS B 222 11.78 -10.80 2.76
CA CYS B 222 11.54 -12.18 2.37
C CYS B 222 12.69 -13.05 2.84
N ALA B 223 12.38 -14.12 3.57
CA ALA B 223 13.37 -15.06 4.12
C ALA B 223 14.40 -14.31 4.92
N LEU B 224 14.17 -14.24 6.22
CA LEU B 224 15.05 -13.50 7.11
C LEU B 224 15.18 -14.19 8.48
N LYS B 225 16.42 -14.25 8.97
CA LYS B 225 16.70 -14.83 10.28
C LYS B 225 15.72 -14.26 11.31
N ASP B 226 15.00 -15.15 12.01
CA ASP B 226 14.02 -14.76 13.03
C ASP B 226 12.89 -13.88 12.50
N LYS B 227 12.37 -14.17 11.32
CA LYS B 227 11.29 -13.38 10.75
C LYS B 227 10.45 -14.24 9.83
N PRO B 228 9.40 -14.85 10.37
CA PRO B 228 8.45 -15.72 9.68
C PRO B 228 7.68 -15.07 8.53
N GLY B 229 6.67 -15.79 8.05
CA GLY B 229 5.87 -15.29 6.97
C GLY B 229 4.51 -15.46 7.53
N VAL B 230 3.68 -14.46 7.37
CA VAL B 230 2.36 -14.51 7.94
C VAL B 230 1.26 -14.71 6.90
N TYR B 231 0.32 -15.57 7.27
CA TYR B 231 -0.79 -15.92 6.43
C TYR B 231 -2.05 -15.69 7.23
N THR B 232 -3.11 -15.26 6.56
CA THR B 232 -4.40 -15.02 7.20
C THR B 232 -5.00 -16.40 7.39
N ARG B 233 -5.16 -16.83 8.65
CA ARG B 233 -5.75 -18.14 8.97
C ARG B 233 -7.21 -18.20 8.58
N VAL B 234 -7.51 -18.97 7.56
CA VAL B 234 -8.86 -19.05 7.04
C VAL B 234 -9.84 -19.62 8.04
N SER B 235 -9.29 -20.32 9.05
CA SER B 235 -10.09 -20.93 10.13
C SER B 235 -11.24 -20.02 10.59
N HIS B 236 -10.89 -18.86 11.16
CA HIS B 236 -11.87 -17.90 11.66
C HIS B 236 -12.74 -17.21 10.62
N PHE B 237 -12.38 -17.29 9.35
CA PHE B 237 -13.17 -16.58 8.36
C PHE B 237 -14.23 -17.42 7.72
N LEU B 238 -14.27 -18.67 8.14
CA LEU B 238 -15.21 -19.62 7.60
C LEU B 238 -16.67 -19.16 7.46
N PRO B 239 -17.19 -18.42 8.46
CA PRO B 239 -18.58 -17.99 8.31
C PRO B 239 -18.70 -16.81 7.37
N TRP B 240 -17.68 -15.97 7.38
CA TRP B 240 -17.70 -14.79 6.51
C TRP B 240 -17.85 -15.22 5.07
N ILE B 241 -16.97 -16.13 4.66
CA ILE B 241 -16.94 -16.67 3.30
C ILE B 241 -18.31 -17.25 2.95
N ARG B 242 -18.76 -18.20 3.76
CA ARG B 242 -20.05 -18.86 3.54
C ARG B 242 -21.21 -17.85 3.58
N SER B 243 -21.07 -16.77 4.35
CA SER B 243 -22.16 -15.79 4.46
C SER B 243 -22.39 -14.94 3.23
N HIS B 244 -21.40 -14.87 2.36
CA HIS B 244 -21.50 -14.08 1.13
C HIS B 244 -21.78 -14.94 -0.11
N THR B 245 -21.21 -16.15 -0.14
CA THR B 245 -21.33 -17.08 -1.27
C THR B 245 -22.74 -17.51 -1.72
N LYS B 246 -23.70 -17.48 -0.81
CA LYS B 246 -25.06 -17.90 -1.15
C LYS B 246 -26.00 -16.78 -1.64
N GLU B 247 -26.33 -15.81 -0.77
CA GLU B 247 -27.20 -14.69 -1.16
C GLU B 247 -26.46 -13.34 -1.22
N GLU B 248 -26.21 -12.72 -0.06
CA GLU B 248 -25.51 -11.43 0.01
C GLU B 248 -24.59 -11.32 1.23
N CYS C 13 10.50 30.93 9.73
CA CYS C 13 9.47 30.15 9.01
C CYS C 13 8.50 31.02 8.21
N GLY C 14 7.70 30.37 7.34
CA GLY C 14 6.72 31.06 6.53
C GLY C 14 7.22 32.17 5.62
N GLN C 15 8.55 32.31 5.53
CA GLN C 15 9.22 33.33 4.72
C GLN C 15 9.37 32.91 3.25
N LYS C 16 8.31 33.13 2.47
CA LYS C 16 8.29 32.78 1.05
C LYS C 16 9.06 33.85 0.30
N THR C 17 10.36 33.62 0.15
CA THR C 17 11.23 34.55 -0.54
C THR C 17 10.77 34.71 -2.00
N LEU C 18 10.37 35.94 -2.35
CA LEU C 18 9.89 36.29 -3.68
C LEU C 18 10.87 37.30 -4.32
N ARG C 19 11.02 37.21 -5.64
CA ARG C 19 11.93 38.09 -6.41
C ARG C 19 11.25 38.72 -7.64
N PRO C 20 11.79 39.85 -8.14
CA PRO C 20 11.24 40.57 -9.31
C PRO C 20 11.27 39.83 -10.65
N ILE D 1 -1.04 17.10 -8.86
CA ILE D 1 -2.15 18.10 -8.68
C ILE D 1 -2.99 18.16 -9.95
N ILE D 2 -4.30 18.34 -9.84
CA ILE D 2 -5.16 18.48 -11.02
C ILE D 2 -5.62 19.93 -10.97
N GLY D 3 -4.70 20.75 -10.47
CA GLY D 3 -4.92 22.18 -10.32
C GLY D 3 -4.87 23.00 -11.59
N GLY D 4 -4.30 24.20 -11.48
CA GLY D 4 -4.25 25.08 -12.63
C GLY D 4 -2.88 25.45 -13.17
N GLU D 5 -1.85 25.49 -12.33
CA GLU D 5 -0.55 25.91 -12.86
C GLU D 5 0.62 25.07 -12.48
N PHE D 6 1.78 25.51 -12.94
CA PHE D 6 3.02 24.84 -12.61
C PHE D 6 3.67 26.00 -11.87
N THR D 7 4.75 25.74 -11.13
CA THR D 7 5.47 26.81 -10.42
C THR D 7 6.95 26.47 -10.25
N THR D 8 7.63 27.16 -9.33
CA THR D 8 9.06 26.93 -9.06
C THR D 8 9.27 26.88 -7.57
N ILE D 9 10.41 26.35 -7.10
CA ILE D 9 10.72 26.29 -5.68
C ILE D 9 10.81 27.69 -5.07
N GLU D 10 10.13 28.66 -5.66
CA GLU D 10 10.13 30.01 -5.14
C GLU D 10 8.76 30.27 -4.53
N ASN D 11 7.76 29.57 -5.06
CA ASN D 11 6.39 29.68 -4.61
C ASN D 11 5.97 28.65 -3.53
N GLN D 12 6.94 27.92 -2.97
CA GLN D 12 6.67 26.88 -1.95
C GLN D 12 8.02 26.24 -1.55
N PRO D 13 9.00 27.10 -1.20
CA PRO D 13 10.38 26.75 -0.79
C PRO D 13 10.58 25.81 0.37
N TRP D 14 9.51 25.55 1.09
CA TRP D 14 9.53 24.66 2.25
C TRP D 14 9.42 23.19 1.81
N PHE D 15 8.80 22.99 0.65
CA PHE D 15 8.56 21.68 0.01
C PHE D 15 9.86 20.86 -0.12
N ALA D 16 9.70 19.55 -0.07
CA ALA D 16 10.82 18.63 -0.22
C ALA D 16 10.40 17.51 -1.17
N ALA D 17 11.36 17.04 -1.98
CA ALA D 17 11.13 15.97 -2.92
C ALA D 17 11.75 14.72 -2.30
N ILE D 18 10.95 13.66 -2.23
CA ILE D 18 11.43 12.43 -1.62
C ILE D 18 11.67 11.34 -2.63
N TYR D 19 12.84 10.73 -2.54
CA TYR D 19 13.24 9.71 -3.49
C TYR D 19 13.73 8.40 -2.93
N ARG D 20 13.36 7.32 -3.61
CA ARG D 20 13.82 5.97 -3.25
C ARG D 20 14.62 5.47 -4.44
N ARG D 21 15.81 4.95 -4.14
CA ARG D 21 16.68 4.44 -5.18
C ARG D 21 16.65 2.92 -5.22
N HIS D 22 17.29 2.37 -6.23
CA HIS D 22 17.32 0.93 -6.40
C HIS D 22 18.73 0.37 -6.56
N ARG D 23 18.79 -0.95 -6.73
CA ARG D 23 20.05 -1.66 -6.88
C ARG D 23 20.73 -1.32 -8.22
N GLY D 24 19.95 -0.71 -9.11
CA GLY D 24 20.44 -0.33 -10.42
C GLY D 24 20.95 1.11 -10.52
N GLY D 25 20.57 1.97 -9.57
CA GLY D 25 21.03 3.35 -9.59
C GLY D 25 20.03 4.51 -9.74
N SER D 26 19.10 4.40 -10.69
CA SER D 26 18.10 5.46 -10.93
C SER D 26 17.12 5.59 -9.75
N VAL D 27 16.44 6.73 -9.65
CA VAL D 27 15.48 6.95 -8.55
C VAL D 27 13.99 7.03 -8.87
N THR D 28 13.21 6.39 -8.02
CA THR D 28 11.77 6.40 -8.13
C THR D 28 11.28 7.44 -7.11
N TYR D 29 10.20 8.15 -7.44
CA TYR D 29 9.62 9.19 -6.55
C TYR D 29 8.51 8.69 -5.60
N VAL D 30 8.79 8.81 -4.30
CA VAL D 30 7.88 8.41 -3.19
C VAL D 30 6.71 9.42 -2.98
N CYS D 31 7.01 10.51 -2.29
CA CYS D 31 6.05 11.55 -1.98
C CYS D 31 6.70 12.94 -1.82
N GLY D 32 5.86 13.90 -1.39
CA GLY D 32 6.29 15.27 -1.15
C GLY D 32 6.92 15.37 0.23
N GLY D 33 6.90 16.56 0.82
CA GLY D 33 7.50 16.74 2.13
C GLY D 33 7.52 18.18 2.65
N SER D 34 8.20 18.42 3.76
CA SER D 34 8.29 19.75 4.33
C SER D 34 9.34 19.84 5.42
N LEU D 35 10.09 20.94 5.42
CA LEU D 35 11.12 21.21 6.43
C LEU D 35 10.55 21.98 7.63
N MET D 36 10.78 21.46 8.85
CA MET D 36 10.34 22.08 10.11
C MET D 36 11.46 22.97 10.65
N SER D 37 12.70 22.54 10.36
CA SER D 37 13.91 23.23 10.79
C SER D 37 15.04 22.86 9.78
N PRO D 38 16.31 22.70 10.22
CA PRO D 38 17.29 22.33 9.19
C PRO D 38 17.24 20.84 8.86
N CYS D 39 17.38 19.98 9.88
CA CYS D 39 17.35 18.53 9.65
C CYS D 39 16.08 17.78 10.04
N TRP D 40 14.92 18.35 9.78
CA TRP D 40 13.68 17.64 10.13
C TRP D 40 12.55 17.83 9.12
N VAL D 41 12.40 16.84 8.22
CA VAL D 41 11.36 16.88 7.20
C VAL D 41 10.11 16.19 7.74
N ILE D 42 8.97 16.56 7.16
CA ILE D 42 7.70 16.04 7.59
C ILE D 42 6.85 15.56 6.41
N SER D 43 6.71 14.26 6.29
CA SER D 43 5.90 13.73 5.22
C SER D 43 4.88 12.76 5.77
N ALA D 44 4.18 12.06 4.88
CA ALA D 44 3.17 11.09 5.30
C ALA D 44 3.74 9.65 5.53
N THR D 45 2.95 8.74 6.09
CA THR D 45 3.44 7.36 6.34
C THR D 45 3.11 6.30 5.30
N HIS D 46 1.97 6.43 4.64
CA HIS D 46 1.59 5.46 3.62
C HIS D 46 2.56 5.41 2.44
N CYS D 47 3.58 6.27 2.49
CA CYS D 47 4.58 6.33 1.45
C CYS D 47 5.68 5.35 1.79
N PHE D 48 6.09 5.37 3.05
CA PHE D 48 7.19 4.54 3.50
C PHE D 48 6.81 3.15 3.93
N ILE D 49 5.51 2.87 3.93
CA ILE D 49 5.06 1.54 4.36
C ILE D 49 5.62 0.41 3.48
N ASP D 50 5.55 0.61 2.17
CA ASP D 50 5.99 -0.36 1.17
C ASP D 50 7.40 -0.86 1.37
N TYR D 51 8.36 0.06 1.42
CA TYR D 51 9.75 -0.34 1.61
C TYR D 51 10.39 0.47 2.76
N PRO D 52 10.31 -0.07 3.99
CA PRO D 52 10.78 0.40 5.30
C PRO D 52 12.28 0.38 5.64
N LYS D 53 13.03 1.36 5.15
CA LYS D 53 14.45 1.46 5.46
C LYS D 53 15.08 2.81 5.15
N LYS D 54 15.53 3.45 6.22
CA LYS D 54 16.17 4.75 6.13
C LYS D 54 17.30 4.74 5.11
N GLU D 55 18.20 3.76 5.20
CA GLU D 55 19.35 3.66 4.30
C GLU D 55 18.99 3.78 2.81
N ASP D 56 17.93 3.11 2.36
CA ASP D 56 17.58 3.18 0.96
C ASP D 56 16.57 4.25 0.51
N TYR D 57 16.68 5.45 1.11
CA TYR D 57 15.83 6.60 0.74
C TYR D 57 16.76 7.80 0.66
N ILE D 58 16.56 8.62 -0.38
CA ILE D 58 17.33 9.84 -0.62
C ILE D 58 16.38 11.08 -0.79
N VAL D 59 16.82 12.29 -0.41
CA VAL D 59 15.96 13.50 -0.51
C VAL D 59 16.54 14.82 -1.05
N TYR D 60 15.83 15.41 -1.99
CA TYR D 60 16.24 16.66 -2.61
C TYR D 60 15.46 17.83 -2.13
N LEU D 61 16.22 18.76 -1.54
CA LEU D 61 15.68 20.00 -0.97
C LEU D 61 16.04 21.23 -1.84
N GLY D 62 15.03 21.89 -2.40
CA GLY D 62 15.24 23.06 -3.25
C GLY D 62 15.36 22.68 -4.73
N ARG D 63 14.31 22.04 -5.23
CA ARG D 63 14.26 21.52 -6.60
C ARG D 63 12.84 21.65 -7.18
N SER D 64 12.69 22.21 -8.37
CA SER D 64 11.34 22.36 -8.95
C SER D 64 10.85 21.37 -10.05
N ARG D 65 11.77 20.65 -10.71
CA ARG D 65 11.43 19.68 -11.77
C ARG D 65 11.70 18.25 -11.34
N LEU D 66 10.75 17.39 -11.71
CA LEU D 66 10.79 15.97 -11.40
C LEU D 66 12.16 15.31 -11.51
N ASN D 67 12.47 14.73 -12.67
CA ASN D 67 13.76 14.11 -12.86
C ASN D 67 14.73 14.87 -13.74
N SER D 68 15.64 15.56 -13.06
CA SER D 68 16.74 16.38 -13.61
C SER D 68 17.08 17.52 -12.62
N ASN D 69 18.35 17.53 -12.19
CA ASN D 69 18.90 18.49 -11.21
C ASN D 69 18.61 19.99 -11.35
N THR D 70 18.15 20.62 -10.26
CA THR D 70 17.91 22.08 -10.22
C THR D 70 19.04 22.67 -9.38
N GLN D 71 19.96 23.40 -10.04
CA GLN D 71 21.09 24.04 -9.35
C GLN D 71 20.70 24.73 -8.04
N GLY D 72 21.60 24.67 -7.07
CA GLY D 72 21.33 25.24 -5.77
C GLY D 72 20.27 24.37 -5.14
N GLU D 73 20.58 23.07 -5.04
CA GLU D 73 19.70 22.06 -4.45
C GLU D 73 20.58 21.06 -3.70
N MET D 74 20.10 20.55 -2.56
CA MET D 74 20.90 19.63 -1.76
C MET D 74 20.28 18.28 -1.39
N LYS D 75 21.08 17.25 -1.69
CA LYS D 75 20.77 15.84 -1.46
C LYS D 75 21.12 15.47 -0.02
N PHE D 76 20.22 14.70 0.61
CA PHE D 76 20.42 14.28 1.99
C PHE D 76 20.18 12.81 2.26
N GLU D 77 20.86 12.37 3.32
CA GLU D 77 20.80 11.01 3.84
C GLU D 77 19.69 10.99 4.88
N VAL D 78 18.81 10.01 4.80
CA VAL D 78 17.73 9.89 5.77
C VAL D 78 18.39 9.19 6.96
N GLU D 79 19.02 10.00 7.82
CA GLU D 79 19.75 9.52 8.99
C GLU D 79 18.86 8.86 10.04
N ASN D 80 17.55 9.11 9.95
CA ASN D 80 16.64 8.55 10.92
C ASN D 80 15.21 8.73 10.43
N LEU D 81 14.52 7.61 10.22
CA LEU D 81 13.15 7.72 9.77
C LEU D 81 12.18 6.97 10.68
N ILE D 82 11.57 7.73 11.59
CA ILE D 82 10.57 7.16 12.48
C ILE D 82 9.26 7.47 11.75
N LEU D 83 8.21 6.73 12.07
CA LEU D 83 6.89 6.92 11.46
C LEU D 83 5.93 6.93 12.64
N HIS D 84 4.70 7.42 12.42
CA HIS D 84 3.74 7.49 13.52
C HIS D 84 3.27 6.11 13.98
N LYS D 85 3.86 5.65 15.09
CA LYS D 85 3.54 4.35 15.67
C LYS D 85 2.04 3.97 15.75
N ASP D 86 1.14 4.94 15.56
CA ASP D 86 -0.29 4.64 15.59
C ASP D 86 -1.01 4.78 14.25
N TYR D 87 -0.23 4.64 13.16
CA TYR D 87 -0.76 4.72 11.80
C TYR D 87 -1.35 3.39 11.38
N SER D 88 -2.53 3.49 10.76
CA SER D 88 -3.30 2.37 10.25
C SER D 88 -4.19 2.93 9.15
N ALA D 89 -4.73 2.05 8.31
CA ALA D 89 -5.58 2.50 7.23
C ALA D 89 -6.45 1.35 6.80
N ASP D 90 -7.67 1.66 6.40
CA ASP D 90 -8.60 0.66 5.92
C ASP D 90 -8.63 0.70 4.41
N THR D 91 -9.79 0.40 3.85
CA THR D 91 -10.01 0.42 2.40
C THR D 91 -9.82 1.82 1.83
N LEU D 92 -10.34 2.81 2.55
CA LEU D 92 -10.33 4.19 2.11
C LEU D 92 -9.42 5.13 2.90
N ALA D 93 -9.72 5.21 4.18
CA ALA D 93 -9.07 6.06 5.16
C ALA D 93 -7.65 5.73 5.58
N HIS D 94 -7.01 6.72 6.18
CA HIS D 94 -5.65 6.60 6.70
C HIS D 94 -5.50 7.47 7.94
N HIS D 95 -5.54 6.83 9.10
CA HIS D 95 -5.45 7.52 10.39
C HIS D 95 -3.99 7.68 10.81
N ASN D 96 -3.65 8.81 11.39
CA ASN D 96 -2.28 9.06 11.86
C ASN D 96 -1.22 9.19 10.81
N ASP D 97 -1.64 9.59 9.61
CA ASP D 97 -0.76 9.75 8.43
C ASP D 97 0.35 10.83 8.47
N ILE D 98 1.34 10.65 9.32
CA ILE D 98 2.36 11.64 9.42
C ILE D 98 3.66 11.02 9.85
N ALA D 99 4.78 11.49 9.28
CA ALA D 99 6.06 10.93 9.65
C ALA D 99 7.21 11.90 9.47
N LEU D 100 8.17 11.79 10.40
CA LEU D 100 9.35 12.62 10.46
C LEU D 100 10.56 11.91 9.91
N LEU D 101 11.41 12.67 9.22
CA LEU D 101 12.65 12.13 8.65
C LEU D 101 13.77 13.05 9.11
N LYS D 102 14.84 12.49 9.64
CA LYS D 102 15.97 13.29 10.11
C LYS D 102 17.07 13.30 9.06
N ILE D 103 17.19 14.43 8.35
CA ILE D 103 18.20 14.56 7.31
C ILE D 103 19.59 14.94 7.78
N ARG D 104 20.58 14.48 7.02
CA ARG D 104 21.99 14.73 7.28
C ARG D 104 22.63 14.61 5.90
N SER D 105 23.40 15.64 5.51
CA SER D 105 24.07 15.69 4.21
C SER D 105 25.09 14.58 3.99
N LYS D 106 25.39 14.33 2.72
CA LYS D 106 26.36 13.31 2.35
C LYS D 106 27.73 13.62 2.96
N GLU D 107 27.93 14.88 3.33
CA GLU D 107 29.18 15.35 3.92
C GLU D 107 29.18 15.51 5.45
N GLY D 108 28.01 15.69 6.06
CA GLY D 108 27.93 15.81 7.51
C GLY D 108 27.37 17.06 8.17
N ARG D 109 26.24 17.57 7.68
CA ARG D 109 25.60 18.75 8.27
C ARG D 109 24.18 18.95 7.77
N CYS D 110 23.34 19.56 8.62
CA CYS D 110 21.93 19.80 8.31
C CYS D 110 21.72 20.88 7.25
N ALA D 111 20.50 21.37 7.11
CA ALA D 111 20.20 22.40 6.12
C ALA D 111 20.68 23.78 6.54
N GLN D 112 21.02 24.57 5.53
CA GLN D 112 21.48 25.94 5.74
C GLN D 112 20.41 26.81 5.06
N PRO D 113 19.19 26.88 5.65
CA PRO D 113 18.02 27.64 5.18
C PRO D 113 18.34 28.94 4.43
N SER D 114 18.42 28.85 3.10
CA SER D 114 18.71 30.02 2.29
C SER D 114 17.65 30.48 1.31
N ARG D 115 18.00 30.68 0.04
CA ARG D 115 17.05 31.16 -0.97
C ARG D 115 15.89 30.26 -1.38
N THR D 116 16.13 28.95 -1.50
CA THR D 116 15.09 27.98 -1.84
C THR D 116 15.14 26.77 -0.90
N ILE D 117 15.42 27.07 0.37
CA ILE D 117 15.52 26.10 1.46
C ILE D 117 14.87 26.78 2.68
N GLN D 118 13.55 26.66 2.80
CA GLN D 118 12.84 27.27 3.91
C GLN D 118 11.94 26.29 4.66
N THR D 119 11.63 26.65 5.91
CA THR D 119 10.76 25.85 6.78
C THR D 119 9.37 26.47 6.94
N ILE D 120 8.37 25.60 7.15
CA ILE D 120 6.96 26.01 7.33
C ILE D 120 6.62 26.46 8.75
N CYS D 121 5.68 27.39 8.85
CA CYS D 121 5.25 27.92 10.15
C CYS D 121 4.33 26.96 10.86
N LEU D 122 4.85 26.41 11.96
CA LEU D 122 4.11 25.47 12.78
C LEU D 122 2.91 26.20 13.38
N PRO D 123 1.70 25.63 13.21
CA PRO D 123 0.49 26.26 13.75
C PRO D 123 0.41 26.17 15.28
N SER D 124 -0.77 26.46 15.81
CA SER D 124 -1.01 26.46 17.24
C SER D 124 -1.89 25.28 17.67
N MET D 125 -1.61 24.78 18.88
CA MET D 125 -2.25 23.61 19.54
C MET D 125 -3.60 23.02 19.04
N TYR D 126 -4.52 23.87 18.60
CA TYR D 126 -5.85 23.42 18.13
C TYR D 126 -6.35 24.36 17.03
N ASN D 127 -5.52 25.33 16.73
CA ASN D 127 -5.78 26.33 15.72
C ASN D 127 -5.90 25.75 14.29
N ASP D 128 -7.03 26.05 13.64
CA ASP D 128 -7.27 25.60 12.27
C ASP D 128 -8.06 26.72 11.60
N PRO D 129 -7.84 26.95 10.30
CA PRO D 129 -8.58 28.02 9.63
C PRO D 129 -10.09 27.78 9.68
N GLN D 130 -10.90 28.83 9.59
CA GLN D 130 -12.35 28.67 9.62
C GLN D 130 -12.85 28.12 8.31
N PHE D 131 -13.78 27.18 8.37
CA PHE D 131 -14.37 26.56 7.18
C PHE D 131 -14.61 27.66 6.16
N GLY D 132 -14.42 27.36 4.89
CA GLY D 132 -14.63 28.36 3.86
C GLY D 132 -13.34 28.95 3.31
N THR D 133 -12.35 29.17 4.17
CA THR D 133 -11.03 29.71 3.80
C THR D 133 -10.52 28.96 2.59
N SER D 134 -9.59 29.60 1.88
CA SER D 134 -8.93 29.04 0.70
C SER D 134 -7.49 28.81 1.06
N CYS D 135 -6.96 27.69 0.62
CA CYS D 135 -5.57 27.37 0.91
C CYS D 135 -5.03 26.75 -0.34
N GLU D 136 -3.75 26.44 -0.34
CA GLU D 136 -3.16 25.86 -1.52
C GLU D 136 -2.29 24.63 -1.28
N ILE D 137 -2.16 23.88 -2.36
CA ILE D 137 -1.41 22.65 -2.42
C ILE D 137 -0.47 22.59 -3.65
N THR D 138 0.72 22.03 -3.43
CA THR D 138 1.73 21.87 -4.46
C THR D 138 2.21 20.42 -4.50
N GLY D 139 2.68 20.03 -5.68
CA GLY D 139 3.17 18.67 -5.87
C GLY D 139 3.41 18.29 -7.31
N PHE D 140 4.20 17.24 -7.45
CA PHE D 140 4.58 16.64 -8.73
C PHE D 140 3.52 15.66 -9.28
N GLY D 141 2.80 14.98 -8.38
CA GLY D 141 1.76 14.00 -8.73
C GLY D 141 0.74 14.19 -9.85
N LYS D 142 0.09 13.08 -10.21
CA LYS D 142 -0.89 12.99 -11.30
C LYS D 142 -1.76 14.18 -11.54
N GLU D 143 -1.93 14.50 -12.82
CA GLU D 143 -2.77 15.61 -13.31
C GLU D 143 -4.14 15.08 -13.65
N ASN D 144 -4.34 13.82 -13.32
CA ASN D 144 -5.59 13.12 -13.57
C ASN D 144 -5.36 11.75 -12.94
N SER D 145 -6.43 11.19 -12.36
CA SER D 145 -6.40 9.87 -11.68
C SER D 145 -6.24 8.63 -12.57
N THR D 146 -6.46 8.79 -13.87
CA THR D 146 -6.31 7.71 -14.82
C THR D 146 -4.87 7.62 -15.35
N ASP D 147 -4.24 8.77 -15.54
CA ASP D 147 -2.86 8.90 -16.04
C ASP D 147 -1.85 7.85 -15.56
N TYR D 148 -0.90 7.48 -16.43
CA TYR D 148 0.18 6.50 -16.10
C TYR D 148 1.44 7.27 -15.76
N LEU D 149 1.34 8.58 -16.01
CA LEU D 149 2.38 9.60 -15.81
C LEU D 149 2.10 10.76 -14.85
N TYR D 150 3.22 11.21 -14.32
CA TYR D 150 3.28 12.35 -13.44
C TYR D 150 3.77 13.51 -14.30
N PRO D 151 3.33 14.74 -14.00
CA PRO D 151 3.86 15.83 -14.84
C PRO D 151 5.38 15.96 -14.54
N GLU D 152 6.14 16.58 -15.45
CA GLU D 152 7.59 16.74 -15.25
C GLU D 152 7.98 17.95 -14.41
N GLN D 153 7.12 18.98 -14.41
CA GLN D 153 7.39 20.21 -13.67
C GLN D 153 6.38 20.44 -12.53
N LEU D 154 6.88 20.82 -11.35
CA LEU D 154 6.03 21.06 -10.18
C LEU D 154 4.74 21.84 -10.51
N LYS D 155 3.71 21.62 -9.71
CA LYS D 155 2.41 22.26 -9.88
C LYS D 155 1.88 22.90 -8.60
N MET D 156 0.67 23.46 -8.69
CA MET D 156 0.07 24.19 -7.55
C MET D 156 -1.39 24.57 -7.85
N THR D 157 -2.23 24.68 -6.81
CA THR D 157 -3.63 25.06 -6.97
C THR D 157 -4.29 25.40 -5.65
N VAL D 158 -5.47 26.00 -5.74
CA VAL D 158 -6.23 26.36 -4.54
C VAL D 158 -7.49 25.52 -4.33
N VAL D 159 -7.78 25.34 -3.05
CA VAL D 159 -8.88 24.51 -2.64
C VAL D 159 -9.54 25.12 -1.39
N LYS D 160 -10.86 25.27 -1.41
CA LYS D 160 -11.60 25.82 -0.27
C LYS D 160 -11.68 24.80 0.86
N LEU D 161 -11.79 25.29 2.11
CA LEU D 161 -11.84 24.38 3.22
C LEU D 161 -13.26 23.94 3.53
N ILE D 162 -13.40 22.67 3.89
CA ILE D 162 -14.69 22.11 4.19
C ILE D 162 -14.75 21.53 5.62
N SER D 163 -15.86 21.85 6.29
CA SER D 163 -16.16 21.48 7.69
C SER D 163 -16.49 20.03 7.99
N HIS D 164 -15.91 19.53 9.09
CA HIS D 164 -16.11 18.16 9.60
C HIS D 164 -17.59 17.81 9.63
N ARG D 165 -18.40 18.84 9.67
CA ARG D 165 -19.81 18.70 9.71
C ARG D 165 -20.30 18.32 8.32
N GLU D 166 -19.95 19.11 7.28
CA GLU D 166 -20.38 18.84 5.88
C GLU D 166 -19.79 17.58 5.25
N CYS D 167 -18.50 17.34 5.54
CA CYS D 167 -17.72 16.18 5.08
C CYS D 167 -17.98 14.97 5.98
N GLN D 168 -19.25 14.71 6.24
CA GLN D 168 -19.69 13.59 7.07
C GLN D 168 -21.12 13.31 6.67
N GLN D 169 -21.71 14.28 5.95
CA GLN D 169 -23.05 14.23 5.43
C GLN D 169 -23.10 12.90 4.67
N PRO D 170 -24.30 12.33 4.46
CA PRO D 170 -24.41 11.06 3.74
C PRO D 170 -23.59 10.96 2.46
N HIS D 171 -23.89 11.82 1.50
CA HIS D 171 -23.21 11.81 0.22
C HIS D 171 -21.67 11.93 0.22
N TYR D 172 -21.11 12.22 1.39
CA TYR D 172 -19.68 12.37 1.52
C TYR D 172 -18.95 11.19 2.10
N TYR D 173 -18.18 11.35 3.17
CA TYR D 173 -17.41 10.23 3.71
C TYR D 173 -17.78 9.60 5.05
N GLY D 174 -19.03 9.74 5.48
CA GLY D 174 -19.46 9.15 6.75
C GLY D 174 -18.48 9.25 7.93
N SER D 175 -18.54 8.28 8.84
CA SER D 175 -17.67 8.24 10.03
C SER D 175 -16.20 8.02 9.73
N GLU D 176 -15.87 7.95 8.43
CA GLU D 176 -14.50 7.75 7.93
C GLU D 176 -13.64 8.97 8.23
N VAL D 177 -14.23 10.16 8.05
CA VAL D 177 -13.54 11.42 8.31
C VAL D 177 -13.55 11.69 9.80
N THR D 178 -12.38 11.55 10.43
CA THR D 178 -12.21 11.75 11.86
C THR D 178 -11.78 13.17 12.22
N THR D 179 -11.75 13.49 13.52
CA THR D 179 -11.37 14.83 13.96
C THR D 179 -9.89 15.16 13.84
N LYS D 180 -9.07 14.15 13.54
CA LYS D 180 -7.64 14.39 13.35
C LYS D 180 -7.25 14.48 11.85
N MET D 181 -8.23 14.94 11.05
CA MET D 181 -8.10 15.12 9.61
C MET D 181 -9.05 16.16 8.99
N LEU D 182 -8.50 17.03 8.13
CA LEU D 182 -9.26 18.09 7.42
C LEU D 182 -9.71 17.74 5.99
N CYS D 183 -10.85 18.31 5.57
CA CYS D 183 -11.43 18.12 4.23
C CYS D 183 -11.39 19.43 3.40
N ALA D 184 -11.48 19.31 2.08
CA ALA D 184 -11.46 20.49 1.19
C ALA D 184 -11.75 20.13 -0.25
N ALA D 185 -12.35 21.06 -0.99
CA ALA D 185 -12.66 20.82 -2.40
C ALA D 185 -12.74 22.05 -3.37
N ASP D 186 -13.87 22.23 -4.05
CA ASP D 186 -14.03 23.29 -5.06
C ASP D 186 -15.49 23.18 -5.47
N PRO D 187 -16.03 24.19 -6.19
CA PRO D 187 -17.43 24.18 -6.63
C PRO D 187 -18.02 22.78 -6.78
N GLN D 188 -17.50 22.01 -7.75
CA GLN D 188 -17.96 20.63 -7.96
C GLN D 188 -16.77 19.70 -8.15
N TRP D 189 -16.04 19.89 -9.24
CA TRP D 189 -14.87 19.06 -9.55
C TRP D 189 -14.06 19.65 -10.69
N LYS D 190 -12.95 20.30 -10.36
CA LYS D 190 -12.09 20.90 -11.36
C LYS D 190 -10.65 20.90 -10.87
N THR D 191 -10.49 20.83 -9.56
CA THR D 191 -9.15 20.84 -8.98
C THR D 191 -9.24 19.93 -7.75
N ASP D 192 -8.11 19.44 -7.26
CA ASP D 192 -8.04 18.52 -6.11
C ASP D 192 -6.59 18.00 -6.11
N SER D 193 -6.16 17.34 -5.04
CA SER D 193 -4.80 16.78 -5.03
C SER D 193 -4.95 15.41 -5.68
N CYS D 194 -3.92 14.57 -5.55
CA CYS D 194 -3.97 13.23 -6.09
C CYS D 194 -2.75 12.40 -5.80
N GLN D 195 -2.71 11.22 -6.44
CA GLN D 195 -1.60 10.33 -6.23
C GLN D 195 -0.31 10.99 -6.63
N GLY D 196 0.70 10.86 -5.78
CA GLY D 196 2.00 11.45 -6.02
C GLY D 196 2.16 12.77 -5.29
N ASP D 197 1.03 13.35 -4.91
CA ASP D 197 0.99 14.62 -4.19
C ASP D 197 1.16 14.43 -2.68
N SER D 198 0.72 13.27 -2.18
CA SER D 198 0.80 12.88 -0.76
C SER D 198 2.13 13.23 -0.18
N GLY D 199 2.12 13.67 1.07
CA GLY D 199 3.34 14.08 1.75
C GLY D 199 3.57 15.56 1.47
N GLY D 200 2.88 16.05 0.45
CA GLY D 200 2.99 17.46 0.07
C GLY D 200 2.19 18.31 1.04
N PRO D 201 2.54 19.60 1.23
CA PRO D 201 1.80 20.43 2.16
C PRO D 201 0.49 21.00 1.64
N LEU D 202 -0.43 21.22 2.57
CA LEU D 202 -1.70 21.88 2.32
C LEU D 202 -1.21 23.21 2.88
N VAL D 203 -1.60 24.32 2.27
CA VAL D 203 -1.05 25.58 2.75
C VAL D 203 -1.99 26.71 3.08
N CYS D 204 -2.05 27.08 4.36
CA CYS D 204 -2.86 28.24 4.82
C CYS D 204 -2.03 29.18 5.68
N SER D 205 -2.17 30.47 5.36
CA SER D 205 -1.48 31.55 6.07
C SER D 205 -2.34 32.00 7.26
N LEU D 206 -1.86 31.70 8.47
CA LEU D 206 -2.57 32.09 9.67
C LEU D 206 -1.77 33.04 10.53
N GLN D 207 -2.37 34.21 10.73
CA GLN D 207 -1.80 35.30 11.51
C GLN D 207 -0.62 35.93 10.74
N GLY D 208 -0.84 36.19 9.46
CA GLY D 208 0.16 36.80 8.59
C GLY D 208 1.29 35.88 8.10
N ARG D 209 1.46 34.78 8.82
CA ARG D 209 2.50 33.79 8.53
C ARG D 209 1.89 32.60 7.78
N MET D 210 2.62 32.05 6.82
CA MET D 210 2.12 30.90 6.08
C MET D 210 2.49 29.66 6.93
N THR D 211 1.46 28.90 7.33
CA THR D 211 1.61 27.73 8.20
C THR D 211 1.21 26.36 7.59
N LEU D 212 1.83 25.30 8.11
CA LEU D 212 1.51 23.94 7.66
C LEU D 212 0.16 23.53 8.26
N THR D 213 -0.90 23.85 7.54
CA THR D 213 -2.27 23.59 7.95
C THR D 213 -2.60 22.09 7.98
N GLY D 214 -2.19 21.41 6.92
CA GLY D 214 -2.41 19.98 6.80
C GLY D 214 -1.40 19.38 5.86
N ILE D 215 -1.37 18.04 5.81
CA ILE D 215 -0.48 17.25 4.95
C ILE D 215 -1.43 16.43 4.08
N VAL D 216 -1.10 16.14 2.81
CA VAL D 216 -2.03 15.33 1.99
C VAL D 216 -1.97 13.83 2.32
N SER D 217 -3.13 13.18 2.34
CA SER D 217 -3.19 11.77 2.69
C SER D 217 -4.12 10.90 1.87
N TRP D 218 -5.34 11.36 1.59
CA TRP D 218 -6.25 10.51 0.83
C TRP D 218 -7.46 11.14 0.28
N GLY D 219 -8.26 10.34 -0.39
CA GLY D 219 -9.49 10.83 -0.99
C GLY D 219 -10.01 9.74 -1.91
N ARG D 220 -11.33 9.69 -2.08
CA ARG D 220 -11.94 8.70 -2.98
C ARG D 220 -12.00 9.37 -4.32
N GLY D 221 -11.05 8.97 -5.15
CA GLY D 221 -10.92 9.52 -6.48
C GLY D 221 -9.90 10.63 -6.43
N CYS D 222 -9.97 11.47 -7.45
CA CYS D 222 -9.14 12.64 -7.61
C CYS D 222 -10.10 13.60 -8.29
N ALA D 223 -10.48 14.63 -7.53
CA ALA D 223 -11.44 15.66 -7.97
C ALA D 223 -12.71 14.98 -8.44
N LEU D 224 -13.64 14.82 -7.50
CA LEU D 224 -14.92 14.18 -7.74
C LEU D 224 -16.04 14.85 -6.96
N LYS D 225 -17.22 14.88 -7.58
CA LYS D 225 -18.40 15.47 -6.97
C LYS D 225 -18.65 14.81 -5.62
N ASP D 226 -18.93 15.62 -4.60
CA ASP D 226 -19.21 15.12 -3.25
C ASP D 226 -18.02 14.36 -2.66
N LYS D 227 -16.85 14.50 -3.26
CA LYS D 227 -15.68 13.78 -2.78
C LYS D 227 -14.41 14.63 -2.54
N PRO D 228 -14.32 15.22 -1.34
CA PRO D 228 -13.22 16.07 -0.87
C PRO D 228 -11.91 15.36 -0.60
N GLY D 229 -10.83 16.13 -0.54
CA GLY D 229 -9.55 15.57 -0.27
C GLY D 229 -9.33 15.64 1.21
N VAL D 230 -8.79 14.57 1.76
CA VAL D 230 -8.52 14.48 3.19
C VAL D 230 -7.04 14.63 3.49
N TYR D 231 -6.74 15.34 4.58
CA TYR D 231 -5.37 15.62 5.01
C TYR D 231 -5.22 15.36 6.50
N THR D 232 -3.99 15.27 6.96
CA THR D 232 -3.71 15.05 8.37
C THR D 232 -3.65 16.43 9.05
N ARG D 233 -4.59 16.72 9.97
CA ARG D 233 -4.62 18.01 10.66
C ARG D 233 -3.53 18.11 11.71
N VAL D 234 -2.41 18.70 11.32
CA VAL D 234 -1.25 18.82 12.19
C VAL D 234 -1.49 19.35 13.58
N SER D 235 -2.52 20.17 13.71
CA SER D 235 -2.84 20.77 15.01
C SER D 235 -2.70 19.74 16.11
N HIS D 236 -3.43 18.64 15.96
CA HIS D 236 -3.42 17.56 16.93
C HIS D 236 -2.06 16.85 17.10
N PHE D 237 -1.25 16.85 16.05
CA PHE D 237 0.05 16.18 16.08
C PHE D 237 1.22 16.95 16.65
N LEU D 238 0.93 18.21 16.98
CA LEU D 238 1.91 19.12 17.58
C LEU D 238 2.72 18.58 18.75
N PRO D 239 2.10 17.78 19.62
CA PRO D 239 2.96 17.33 20.70
C PRO D 239 3.99 16.37 20.15
N TRP D 240 3.49 15.28 19.56
CA TRP D 240 4.29 14.19 18.98
C TRP D 240 5.51 14.67 18.17
N ILE D 241 5.26 15.66 17.31
CA ILE D 241 6.28 16.26 16.44
C ILE D 241 7.45 16.80 17.27
N ARG D 242 7.16 17.78 18.12
CA ARG D 242 8.19 18.43 18.93
C ARG D 242 8.90 17.47 19.84
N SER D 243 8.13 16.60 20.49
CA SER D 243 8.66 15.62 21.44
C SER D 243 9.75 14.73 20.86
N HIS D 244 9.53 14.23 19.63
CA HIS D 244 10.49 13.36 18.95
C HIS D 244 11.75 14.11 18.50
N THR D 245 11.61 15.42 18.30
CA THR D 245 12.69 16.27 17.83
C THR D 245 13.68 16.82 18.87
N LYS D 246 13.47 16.49 20.15
CA LYS D 246 14.37 16.97 21.19
C LYS D 246 15.40 15.93 21.66
N GLU D 247 14.92 14.79 22.16
CA GLU D 247 15.78 13.70 22.65
C GLU D 247 15.63 12.41 21.81
N GLU D 248 14.43 11.82 21.80
CA GLU D 248 14.15 10.61 21.02
C GLU D 248 12.65 10.43 20.78
N 0GJ E . 5.40 -5.46 6.34
CA 0GJ E . 5.25 -5.10 4.89
C 0GJ E . 4.36 -6.11 4.19
O 0GJ E . 4.77 -7.25 3.98
CB 0GJ E . 6.59 -5.11 4.19
CG 0GJ E . 7.77 -4.94 5.10
CD 0GJ E . 9.06 -5.23 4.39
OE1 0GJ E . 9.03 -5.40 3.14
OE2 0GJ E . 10.10 -5.32 5.09
N1 0GJ E . 3.17 -5.66 3.79
CA1 0GJ E . 2.25 -6.54 3.09
C1 0GJ E . 2.78 -7.20 1.82
O1 0GJ E . 3.66 -6.65 1.11
N2 0GJ E . 2.24 -8.37 1.51
CA2 0GJ E . 2.66 -9.12 0.34
C2 0GJ E . 1.52 -9.16 -0.65
O2 0GJ E . 1.89 -9.23 -2.04
CB1 0GJ E . 3.23 -10.47 0.77
CG1 0GJ E . 4.55 -10.32 1.50
CD1 0GJ E . 5.02 -11.65 1.99
NE 0GJ E . 6.35 -11.54 2.59
CZ 0GJ E . 6.93 -12.55 3.22
NH1 0GJ E . 6.26 -13.70 3.33
NH2 0GJ E . 8.17 -12.43 3.72
C3 0GJ E . 0.53 -7.90 -0.65
N 0GJ F . -8.66 5.63 -1.15
CA 0GJ F . -7.38 5.38 -1.88
C 0GJ F . -6.31 6.35 -1.39
O 0GJ F . -6.42 7.56 -1.62
CB 0GJ F . -7.57 5.59 -3.38
CG 0GJ F . -8.97 5.36 -3.88
CD 0GJ F . -9.18 5.87 -5.28
OE1 0GJ F . -8.18 6.23 -5.95
OE2 0GJ F . -10.34 5.96 -5.74
N1 0GJ F . -5.29 5.83 -0.73
CA1 0GJ F . -4.21 6.67 -0.22
C1 0GJ F . -3.54 7.49 -1.30
O1 0GJ F . -3.57 7.12 -2.47
N2 0GJ F . -3.01 8.65 -0.93
CA2 0GJ F . -2.33 9.53 -1.88
C2 0GJ F . -0.95 9.63 -1.44
O2 0GJ F . -0.03 9.85 -2.56
CB1 0GJ F . -3.06 10.89 -2.04
CG1 0GJ F . -4.36 10.81 -2.87
CD1 0GJ F . -5.24 12.00 -2.57
NE 0GJ F . -6.47 12.03 -3.35
CZ 0GJ F . -7.34 13.06 -3.32
NH1 0GJ F . -7.08 14.12 -2.55
NH2 0GJ F . -8.46 13.03 -4.03
C3 0GJ F . -0.32 8.39 -0.77
#